data_3F7Q
#
_entry.id   3F7Q
#
_cell.length_a   43.110
_cell.length_b   49.470
_cell.length_c   74.360
_cell.angle_alpha   107.22
_cell.angle_beta   96.06
_cell.angle_gamma   106.60
#
_symmetry.space_group_name_H-M   'P 1'
#
loop_
_entity.id
_entity.type
_entity.pdbx_description
1 polymer 'Integrin beta-4'
2 non-polymer 'CHLORIDE ION'
3 non-polymer DI(HYDROXYETHYL)ETHER
4 non-polymer 'PENTAETHYLENE GLYCOL'
5 non-polymer 1,2-ETHANEDIOL
6 non-polymer 'TETRAETHYLENE GLYCOL'
7 water water
#
_entity_poly.entity_id   1
_entity_poly.type   'polypeptide(L)'
_entity_poly.pdbx_seq_one_letter_code
;GSHMDLGAPQNPNAKAAGSRKIHFNWLPPSGKPMGYRVKYWIQGDSESEAHLLDSKVPSVELTNLYPYCDYEMKVCAYGA
QGEGPYSSLVSCRTHQEVPSEPGRLAFNVVSSTVTQLSWAEPAETNGEITAYEVCYGLVNDDNRPIGPMKKVLVDNPKNR
MLLIENLRESQPYRYTVKARNGAGWGPEREAIINLATQPKRPMSIPIIPDIPIVDAQSGEDYDSFLMYSDDVLR
;
_entity_poly.pdbx_strand_id   A,B
#
loop_
_chem_comp.id
_chem_comp.type
_chem_comp.name
_chem_comp.formula
1PE non-polymer 'PENTAETHYLENE GLYCOL' 'C10 H22 O6'
CL non-polymer 'CHLORIDE ION' 'Cl -1'
EDO non-polymer 1,2-ETHANEDIOL 'C2 H6 O2'
PEG non-polymer DI(HYDROXYETHYL)ETHER 'C4 H10 O3'
PG4 non-polymer 'TETRAETHYLENE GLYCOL' 'C8 H18 O5'
#
# COMPACT_ATOMS: atom_id res chain seq x y z
N ASP A 5 -5.83 -31.33 23.98
CA ASP A 5 -5.65 -30.78 22.65
C ASP A 5 -6.77 -29.80 22.30
N LEU A 6 -6.41 -28.74 21.58
CA LEU A 6 -7.38 -27.71 21.24
C LEU A 6 -8.14 -28.09 19.98
N GLY A 7 -9.40 -27.68 19.90
CA GLY A 7 -10.17 -27.80 18.69
C GLY A 7 -9.89 -26.63 17.77
N ALA A 8 -10.51 -26.64 16.59
CA ALA A 8 -10.40 -25.52 15.67
C ALA A 8 -11.23 -24.35 16.17
N PRO A 9 -10.72 -23.11 16.02
CA PRO A 9 -11.55 -21.95 16.30
C PRO A 9 -12.82 -22.03 15.45
N GLN A 10 -13.94 -21.57 15.99
CA GLN A 10 -15.22 -21.71 15.30
C GLN A 10 -15.73 -20.38 14.77
N ASN A 11 -16.69 -20.44 13.84
CA ASN A 11 -17.30 -19.25 13.27
C ASN A 11 -16.27 -18.23 12.78
N PRO A 12 -15.28 -18.68 12.01
CA PRO A 12 -14.36 -17.67 11.47
C PRO A 12 -15.15 -16.72 10.56
N ASN A 13 -14.85 -15.42 10.69
CA ASN A 13 -15.61 -14.39 10.02
C ASN A 13 -14.70 -13.21 9.68
N ALA A 14 -14.79 -12.72 8.45
CA ALA A 14 -13.95 -11.62 8.00
C ALA A 14 -14.74 -10.55 7.26
N LYS A 15 -14.32 -9.31 7.44
CA LYS A 15 -14.99 -8.17 6.87
C LYS A 15 -13.91 -7.16 6.48
N ALA A 16 -14.08 -6.52 5.33
CA ALA A 16 -13.17 -5.45 4.91
C ALA A 16 -13.22 -4.32 5.92
N ALA A 17 -12.05 -3.82 6.28
CA ALA A 17 -11.94 -2.66 7.18
C ALA A 17 -11.46 -1.44 6.40
N GLY A 18 -11.56 -1.52 5.08
CA GLY A 18 -10.99 -0.49 4.22
C GLY A 18 -10.52 -1.11 2.93
N SER A 19 -9.70 -0.38 2.17
CA SER A 19 -9.21 -0.87 0.89
C SER A 19 -7.89 -1.63 1.06
N ARG A 20 -7.25 -1.48 2.22
CA ARG A 20 -5.95 -2.11 2.46
C ARG A 20 -5.88 -2.92 3.77
N LYS A 21 -7.04 -3.19 4.37
CA LYS A 21 -7.11 -3.87 5.66
C LYS A 21 -8.34 -4.74 5.73
N ILE A 22 -8.21 -5.88 6.42
CA ILE A 22 -9.33 -6.78 6.70
C ILE A 22 -9.37 -7.10 8.19
N HIS A 23 -10.58 -7.13 8.75
CA HIS A 23 -10.76 -7.59 10.13
C HIS A 23 -11.30 -9.02 10.15
N PHE A 24 -10.55 -9.91 10.80
CA PHE A 24 -10.83 -11.34 10.83
C PHE A 24 -10.95 -11.75 12.30
N ASN A 25 -12.08 -12.36 12.68
CA ASN A 25 -12.22 -12.86 14.04
C ASN A 25 -12.83 -14.26 14.06
N TRP A 26 -12.87 -14.84 15.25
CA TRP A 26 -13.33 -16.20 15.41
C TRP A 26 -13.66 -16.40 16.89
N LEU A 27 -14.23 -17.55 17.20
CA LEU A 27 -14.56 -17.90 18.58
C LEU A 27 -13.46 -18.77 19.14
N PRO A 28 -13.02 -18.45 20.36
CA PRO A 28 -11.99 -19.30 20.96
C PRO A 28 -12.49 -20.73 21.09
N PRO A 29 -11.63 -21.71 20.81
CA PRO A 29 -11.98 -23.10 21.07
C PRO A 29 -11.95 -23.36 22.57
N SER A 30 -12.63 -24.40 23.03
CA SER A 30 -12.66 -24.68 24.46
C SER A 30 -11.28 -25.10 24.90
N GLY A 31 -10.98 -24.90 26.18
CA GLY A 31 -9.67 -25.21 26.70
C GLY A 31 -8.93 -23.94 27.05
N LYS A 32 -7.63 -23.99 26.87
CA LYS A 32 -6.76 -22.92 27.32
C LYS A 32 -5.80 -22.56 26.18
N PRO A 33 -6.37 -22.01 25.09
CA PRO A 33 -5.51 -21.50 24.01
C PRO A 33 -4.63 -20.39 24.53
N MET A 34 -3.37 -20.37 24.12
CA MET A 34 -2.43 -19.32 24.49
C MET A 34 -2.39 -18.22 23.45
N GLY A 35 -2.96 -18.48 22.28
CA GLY A 35 -2.84 -17.57 21.15
C GLY A 35 -3.30 -18.25 19.88
N TYR A 36 -3.18 -17.53 18.76
CA TYR A 36 -3.70 -17.98 17.47
C TYR A 36 -2.71 -17.68 16.38
N ARG A 37 -2.75 -18.51 15.34
CA ARG A 37 -1.98 -18.24 14.15
C ARG A 37 -2.92 -18.19 12.96
N VAL A 38 -2.84 -17.07 12.24
CA VAL A 38 -3.63 -16.87 11.04
C VAL A 38 -2.77 -17.06 9.79
N LYS A 39 -3.31 -17.78 8.81
CA LYS A 39 -2.68 -17.88 7.51
C LYS A 39 -3.57 -17.11 6.55
N TYR A 40 -2.97 -16.26 5.70
CA TYR A 40 -3.76 -15.55 4.70
C TYR A 40 -2.97 -15.36 3.43
N TRP A 41 -3.66 -15.34 2.31
CA TRP A 41 -3.04 -15.18 1.02
C TRP A 41 -4.02 -14.60 0.02
N ILE A 42 -3.49 -13.99 -1.03
CA ILE A 42 -4.29 -13.51 -2.13
C ILE A 42 -4.90 -14.68 -2.89
N GLN A 43 -6.19 -14.55 -3.21
CA GLN A 43 -6.87 -15.51 -4.07
C GLN A 43 -6.05 -15.70 -5.33
N GLY A 44 -5.74 -16.96 -5.64
CA GLY A 44 -4.93 -17.26 -6.80
C GLY A 44 -3.48 -17.53 -6.49
N ASP A 45 -3.05 -17.22 -5.26
CA ASP A 45 -1.73 -17.64 -4.79
C ASP A 45 -2.01 -18.97 -4.08
N SER A 46 -1.48 -19.18 -2.87
CA SER A 46 -1.62 -20.48 -2.21
C SER A 46 -1.37 -20.45 -0.71
N GLU A 47 -1.96 -21.40 0.01
CA GLU A 47 -1.68 -21.58 1.42
C GLU A 47 -0.20 -21.85 1.65
N SER A 48 0.46 -22.48 0.69
N SER A 48 0.46 -22.48 0.68
CA SER A 48 1.87 -22.82 0.82
CA SER A 48 1.88 -22.82 0.83
C SER A 48 2.72 -21.55 0.95
C SER A 48 2.74 -21.57 0.89
N GLU A 49 2.23 -20.48 0.33
CA GLU A 49 2.94 -19.20 0.35
C GLU A 49 2.26 -18.21 1.28
N ALA A 50 1.48 -18.70 2.24
CA ALA A 50 0.70 -17.85 3.11
C ALA A 50 1.57 -16.89 3.90
N HIS A 51 1.05 -15.70 4.13
CA HIS A 51 1.50 -14.84 5.23
C HIS A 51 1.04 -15.47 6.54
N LEU A 52 1.86 -15.32 7.58
CA LEU A 52 1.62 -15.94 8.88
C LEU A 52 1.58 -14.87 9.96
N LEU A 53 0.47 -14.79 10.67
CA LEU A 53 0.26 -13.71 11.62
C LEU A 53 -0.21 -14.24 12.98
N ASP A 54 0.59 -13.97 14.00
CA ASP A 54 0.31 -14.37 15.36
C ASP A 54 -0.63 -13.36 16.01
N SER A 55 -1.51 -13.86 16.88
CA SER A 55 -2.35 -13.01 17.71
C SER A 55 -2.56 -13.65 19.08
N LYS A 56 -2.59 -12.81 20.11
CA LYS A 56 -2.87 -13.30 21.45
C LYS A 56 -4.33 -13.11 21.82
N VAL A 57 -5.11 -12.54 20.90
CA VAL A 57 -6.55 -12.40 21.09
C VAL A 57 -7.28 -12.95 19.86
N PRO A 58 -8.60 -13.23 19.99
CA PRO A 58 -9.30 -13.95 18.92
C PRO A 58 -9.78 -13.06 17.78
N SER A 59 -8.89 -12.18 17.32
CA SER A 59 -9.14 -11.38 16.12
C SER A 59 -7.79 -10.85 15.66
N VAL A 60 -7.72 -10.46 14.39
CA VAL A 60 -6.56 -9.76 13.86
C VAL A 60 -7.01 -8.75 12.85
N GLU A 61 -6.13 -7.80 12.59
CA GLU A 61 -6.29 -6.88 11.49
C GLU A 61 -5.19 -7.19 10.51
N LEU A 62 -5.57 -7.62 9.32
CA LEU A 62 -4.63 -7.82 8.23
C LEU A 62 -4.36 -6.46 7.60
N THR A 63 -3.08 -6.15 7.39
CA THR A 63 -2.70 -4.84 6.85
C THR A 63 -1.84 -4.96 5.59
N ASN A 64 -1.55 -3.82 5.00
CA ASN A 64 -0.80 -3.73 3.74
C ASN A 64 -1.37 -4.65 2.64
N LEU A 65 -2.69 -4.63 2.49
CA LEU A 65 -3.35 -5.43 1.46
C LEU A 65 -3.55 -4.61 0.18
N TYR A 66 -3.78 -5.32 -0.93
CA TYR A 66 -4.15 -4.68 -2.20
C TYR A 66 -5.62 -4.30 -2.18
N PRO A 67 -5.95 -3.11 -2.70
CA PRO A 67 -7.35 -2.73 -2.89
C PRO A 67 -8.08 -3.63 -3.88
N TYR A 68 -9.39 -3.75 -3.70
CA TYR A 68 -10.26 -4.52 -4.59
C TYR A 68 -9.69 -5.90 -4.88
N CYS A 69 -9.32 -6.60 -3.81
CA CYS A 69 -8.62 -7.87 -3.90
C CYS A 69 -9.20 -8.87 -2.92
N ASP A 70 -9.42 -10.09 -3.41
CA ASP A 70 -9.92 -11.20 -2.60
C ASP A 70 -8.79 -11.88 -1.86
N TYR A 71 -9.00 -12.14 -0.57
CA TYR A 71 -8.05 -12.81 0.27
C TYR A 71 -8.71 -14.03 0.90
N GLU A 72 -7.94 -15.11 1.00
CA GLU A 72 -8.38 -16.32 1.68
C GLU A 72 -7.57 -16.45 2.97
N MET A 73 -8.21 -16.96 4.00
CA MET A 73 -7.57 -17.04 5.31
C MET A 73 -8.21 -18.11 6.19
N LYS A 74 -7.44 -18.55 7.18
CA LYS A 74 -7.93 -19.47 8.18
C LYS A 74 -7.07 -19.33 9.42
N VAL A 75 -7.52 -19.86 10.55
CA VAL A 75 -6.86 -19.61 11.82
C VAL A 75 -6.83 -20.87 12.67
N CYS A 76 -5.75 -21.05 13.43
CA CYS A 76 -5.68 -22.13 14.40
C CYS A 76 -5.35 -21.55 15.76
N ALA A 77 -5.59 -22.33 16.81
CA ALA A 77 -5.16 -22.00 18.16
C ALA A 77 -3.90 -22.78 18.48
N TYR A 78 -3.08 -22.26 19.39
CA TYR A 78 -2.00 -23.05 19.96
C TYR A 78 -2.06 -23.00 21.48
N GLY A 79 -1.61 -24.08 22.10
CA GLY A 79 -1.62 -24.18 23.55
C GLY A 79 -0.55 -25.14 24.04
N ALA A 80 -0.78 -25.70 25.22
CA ALA A 80 0.19 -26.58 25.86
C ALA A 80 0.64 -27.73 24.96
N GLN A 81 -0.23 -28.16 24.06
CA GLN A 81 0.05 -29.30 23.18
C GLN A 81 0.53 -28.90 21.79
N GLY A 82 0.71 -27.61 21.57
CA GLY A 82 1.10 -27.10 20.27
C GLY A 82 -0.10 -26.55 19.52
N GLU A 83 -0.03 -26.57 18.19
N GLU A 83 -0.02 -26.53 18.19
CA GLU A 83 -1.09 -26.03 17.36
CA GLU A 83 -1.11 -25.98 17.40
C GLU A 83 -2.19 -27.06 17.16
C GLU A 83 -2.18 -27.04 17.16
N GLY A 84 -3.43 -26.62 17.30
CA GLY A 84 -4.56 -27.44 16.97
C GLY A 84 -4.88 -27.27 15.50
N PRO A 85 -5.97 -27.88 15.05
CA PRO A 85 -6.37 -27.77 13.65
C PRO A 85 -6.86 -26.39 13.26
N TYR A 86 -6.76 -26.10 11.97
CA TYR A 86 -7.22 -24.82 11.43
C TYR A 86 -8.72 -24.80 11.23
N SER A 87 -9.27 -23.60 11.30
CA SER A 87 -10.66 -23.35 10.99
C SER A 87 -10.88 -23.61 9.52
N SER A 88 -12.15 -23.62 9.12
N SER A 88 -12.15 -23.61 9.12
CA SER A 88 -12.49 -23.61 7.70
CA SER A 88 -12.50 -23.58 7.71
C SER A 88 -12.03 -22.29 7.09
C SER A 88 -11.97 -22.29 7.10
N LEU A 89 -11.89 -22.27 5.77
CA LEU A 89 -11.49 -21.07 5.04
C LEU A 89 -12.56 -20.01 5.02
N VAL A 90 -12.10 -18.77 4.96
N VAL A 90 -12.14 -18.76 5.05
CA VAL A 90 -12.94 -17.60 4.82
CA VAL A 90 -13.03 -17.66 4.73
C VAL A 90 -12.35 -16.74 3.70
C VAL A 90 -12.37 -16.82 3.65
N SER A 91 -13.20 -16.19 2.84
CA SER A 91 -12.74 -15.33 1.76
C SER A 91 -13.36 -13.95 1.98
N CYS A 92 -12.59 -12.90 1.73
CA CYS A 92 -13.05 -11.54 1.95
C CYS A 92 -12.34 -10.62 0.97
N ARG A 93 -13.08 -9.67 0.39
N ARG A 93 -13.09 -9.66 0.41
CA ARG A 93 -12.52 -8.74 -0.60
CA ARG A 93 -12.53 -8.73 -0.56
C ARG A 93 -12.40 -7.32 -0.03
C ARG A 93 -12.35 -7.35 0.08
N THR A 94 -11.23 -6.72 -0.20
CA THR A 94 -10.99 -5.36 0.29
C THR A 94 -11.80 -4.38 -0.55
N HIS A 95 -12.08 -3.20 0.02
CA HIS A 95 -12.81 -2.17 -0.71
C HIS A 95 -11.98 -1.67 -1.89
N GLN A 96 -12.66 -1.09 -2.87
CA GLN A 96 -11.98 -0.31 -3.88
C GLN A 96 -11.44 0.96 -3.22
N GLU A 97 -10.41 1.54 -3.80
CA GLU A 97 -10.06 2.93 -3.51
C GLU A 97 -9.83 3.60 -4.86
N VAL A 98 -9.74 4.93 -4.89
CA VAL A 98 -9.64 5.61 -6.18
C VAL A 98 -8.39 5.19 -6.96
N PRO A 99 -8.46 5.24 -8.30
CA PRO A 99 -7.30 4.87 -9.10
C PRO A 99 -6.11 5.79 -8.88
N SER A 100 -4.93 5.32 -9.25
CA SER A 100 -3.79 6.21 -9.36
C SER A 100 -3.97 7.14 -10.57
N GLU A 101 -3.00 8.01 -10.79
CA GLU A 101 -3.01 8.86 -11.97
C GLU A 101 -3.03 8.01 -13.23
N PRO A 102 -3.64 8.53 -14.30
CA PRO A 102 -3.44 7.97 -15.63
C PRO A 102 -1.95 8.05 -16.01
N GLY A 103 -1.54 7.33 -17.04
CA GLY A 103 -0.19 7.45 -17.58
C GLY A 103 0.11 8.87 -18.04
N ARG A 104 1.39 9.16 -18.25
CA ARG A 104 1.81 10.47 -18.71
C ARG A 104 1.13 10.80 -20.03
N LEU A 105 0.67 12.04 -20.16
CA LEU A 105 -0.12 12.42 -21.32
C LEU A 105 0.74 12.48 -22.57
N ALA A 106 0.21 11.90 -23.64
CA ALA A 106 0.91 11.81 -24.92
C ALA A 106 0.18 12.68 -25.91
N PHE A 107 0.95 13.50 -26.62
CA PHE A 107 0.39 14.42 -27.59
C PHE A 107 0.97 14.07 -28.96
N ASN A 108 0.09 13.73 -29.90
CA ASN A 108 0.49 13.58 -31.29
C ASN A 108 -0.08 14.79 -32.02
N VAL A 109 0.79 15.75 -32.27
CA VAL A 109 0.38 17.08 -32.72
C VAL A 109 0.31 17.08 -34.24
N VAL A 110 -0.79 17.57 -34.76
CA VAL A 110 -1.04 17.56 -36.19
C VAL A 110 -0.69 18.90 -36.81
N SER A 111 -1.10 19.96 -36.12
CA SER A 111 -0.97 21.32 -36.65
C SER A 111 -0.81 22.29 -35.50
N SER A 112 -0.74 23.57 -35.83
CA SER A 112 -0.61 24.63 -34.82
C SER A 112 -1.86 24.73 -33.95
N THR A 113 -2.94 24.07 -34.36
CA THR A 113 -4.22 24.19 -33.66
C THR A 113 -4.92 22.86 -33.39
N VAL A 114 -4.29 21.75 -33.74
CA VAL A 114 -4.93 20.45 -33.60
C VAL A 114 -3.96 19.44 -33.00
N THR A 115 -4.42 18.72 -31.99
CA THR A 115 -3.61 17.65 -31.42
C THR A 115 -4.47 16.47 -30.97
N GLN A 116 -3.89 15.28 -31.06
CA GLN A 116 -4.45 14.12 -30.40
C GLN A 116 -3.85 14.03 -29.02
N LEU A 117 -4.68 13.67 -28.05
CA LEU A 117 -4.28 13.43 -26.68
C LEU A 117 -4.61 11.98 -26.35
N SER A 118 -3.68 11.27 -25.73
CA SER A 118 -3.93 9.90 -25.32
C SER A 118 -3.18 9.61 -24.02
N TRP A 119 -3.57 8.56 -23.32
CA TRP A 119 -2.92 8.24 -22.06
C TRP A 119 -3.09 6.75 -21.74
N ALA A 120 -2.12 6.21 -21.02
CA ALA A 120 -2.21 4.82 -20.56
C ALA A 120 -3.16 4.73 -19.36
N GLU A 121 -3.76 3.57 -19.19
CA GLU A 121 -4.54 3.28 -17.99
C GLU A 121 -3.68 3.49 -16.75
N PRO A 122 -4.27 3.92 -15.61
CA PRO A 122 -3.52 4.04 -14.36
C PRO A 122 -2.75 2.76 -14.01
N ALA A 123 -1.55 2.91 -13.48
CA ALA A 123 -0.71 1.77 -13.14
C ALA A 123 -1.44 0.93 -12.09
N GLU A 124 -2.15 1.59 -11.20
CA GLU A 124 -3.01 0.91 -10.24
C GLU A 124 -4.44 1.36 -10.41
N THR A 125 -5.30 0.45 -10.84
CA THR A 125 -6.71 0.79 -11.02
C THR A 125 -7.47 0.74 -9.70
N ASN A 126 -7.01 -0.12 -8.78
CA ASN A 126 -7.58 -0.18 -7.42
C ASN A 126 -9.08 -0.40 -7.43
N GLY A 127 -9.58 -0.93 -8.53
CA GLY A 127 -10.99 -1.17 -8.71
C GLY A 127 -11.24 -1.30 -10.21
N GLU A 128 -12.49 -1.09 -10.63
CA GLU A 128 -12.83 -1.16 -12.05
C GLU A 128 -13.10 0.25 -12.56
N ILE A 129 -12.29 0.68 -13.53
CA ILE A 129 -12.38 2.03 -14.06
C ILE A 129 -13.56 2.18 -15.00
N THR A 130 -14.41 3.17 -14.72
CA THR A 130 -15.63 3.36 -15.47
C THR A 130 -15.61 4.62 -16.32
N ALA A 131 -14.63 5.49 -16.10
CA ALA A 131 -14.56 6.75 -16.84
C ALA A 131 -13.25 7.48 -16.66
N TYR A 132 -12.91 8.26 -17.67
CA TYR A 132 -11.87 9.28 -17.58
C TYR A 132 -12.50 10.65 -17.78
N GLU A 133 -11.88 11.68 -17.23
CA GLU A 133 -12.26 13.05 -17.50
C GLU A 133 -11.05 13.87 -17.87
N VAL A 134 -11.17 14.52 -19.03
CA VAL A 134 -10.15 15.42 -19.56
C VAL A 134 -10.62 16.84 -19.32
N CYS A 135 -9.75 17.66 -18.75
CA CYS A 135 -9.98 19.10 -18.71
C CYS A 135 -8.83 19.79 -19.43
N TYR A 136 -9.09 20.99 -19.96
CA TYR A 136 -8.03 21.79 -20.58
C TYR A 136 -8.36 23.26 -20.42
N GLY A 137 -7.34 24.11 -20.47
CA GLY A 137 -7.54 25.54 -20.32
C GLY A 137 -6.29 26.30 -20.68
N LEU A 138 -6.45 27.57 -21.03
CA LEU A 138 -5.31 28.43 -21.28
C LEU A 138 -4.53 28.67 -20.00
N VAL A 139 -3.22 28.74 -20.09
CA VAL A 139 -2.40 29.20 -18.97
C VAL A 139 -1.36 30.23 -19.44
N ASN A 140 -0.86 31.04 -18.52
CA ASN A 140 0.29 31.88 -18.82
C ASN A 140 1.57 31.07 -18.65
N ASP A 141 2.68 31.74 -18.38
CA ASP A 141 3.97 31.06 -18.35
C ASP A 141 4.24 30.39 -17.00
N ASP A 142 3.50 30.79 -15.98
CA ASP A 142 3.63 30.20 -14.66
C ASP A 142 2.50 29.19 -14.38
N ASN A 143 2.00 28.54 -15.42
CA ASN A 143 0.93 27.55 -15.27
C ASN A 143 -0.23 28.14 -14.51
N ARG A 144 -0.48 29.43 -14.71
CA ARG A 144 -1.58 30.11 -14.07
C ARG A 144 -2.72 30.19 -15.08
N PRO A 145 -3.88 29.64 -14.73
CA PRO A 145 -4.98 29.63 -15.71
C PRO A 145 -5.39 31.03 -16.11
N ILE A 146 -5.64 31.19 -17.40
CA ILE A 146 -6.26 32.38 -17.95
C ILE A 146 -7.70 32.03 -18.22
N GLY A 147 -8.57 32.29 -17.26
CA GLY A 147 -9.94 31.85 -17.35
C GLY A 147 -10.06 30.45 -16.82
N PRO A 148 -11.29 29.95 -16.73
CA PRO A 148 -11.60 28.65 -16.14
C PRO A 148 -11.17 27.50 -17.06
N MET A 149 -10.84 26.36 -16.47
CA MET A 149 -10.69 25.13 -17.24
C MET A 149 -12.03 24.72 -17.83
N LYS A 150 -11.97 23.93 -18.89
CA LYS A 150 -13.14 23.34 -19.50
C LYS A 150 -13.06 21.83 -19.33
N LYS A 151 -14.20 21.26 -18.98
CA LYS A 151 -14.39 19.83 -18.83
C LYS A 151 -14.93 19.26 -20.13
N VAL A 152 -14.40 18.12 -20.56
CA VAL A 152 -14.88 17.48 -21.78
C VAL A 152 -15.83 16.36 -21.42
N LEU A 153 -16.98 16.33 -22.09
CA LEU A 153 -17.92 15.23 -21.96
C LEU A 153 -17.93 14.51 -23.29
N VAL A 154 -17.88 13.18 -23.24
CA VAL A 154 -17.88 12.37 -24.46
C VAL A 154 -18.77 11.17 -24.29
N ASP A 155 -19.22 10.62 -25.42
CA ASP A 155 -20.10 9.46 -25.42
C ASP A 155 -19.53 8.23 -24.71
N ASN A 156 -18.24 7.94 -24.89
CA ASN A 156 -17.60 6.80 -24.25
C ASN A 156 -16.40 7.25 -23.44
N PRO A 157 -16.61 7.47 -22.13
CA PRO A 157 -15.56 8.02 -21.28
C PRO A 157 -14.49 7.01 -20.91
N LYS A 158 -14.65 5.74 -21.30
CA LYS A 158 -13.61 4.76 -21.05
C LYS A 158 -12.50 4.80 -22.10
N ASN A 159 -12.76 5.45 -23.23
CA ASN A 159 -11.74 5.65 -24.25
C ASN A 159 -10.56 6.48 -23.74
N ARG A 160 -9.35 6.10 -24.14
N ARG A 160 -9.35 6.12 -24.15
CA ARG A 160 -8.14 6.77 -23.66
CA ARG A 160 -8.15 6.79 -23.66
C ARG A 160 -7.48 7.66 -24.72
C ARG A 160 -7.49 7.64 -24.73
N MET A 161 -8.29 8.24 -25.59
CA MET A 161 -7.78 9.22 -26.55
C MET A 161 -8.88 10.22 -26.92
N LEU A 162 -8.43 11.41 -27.28
CA LEU A 162 -9.30 12.51 -27.63
C LEU A 162 -8.60 13.34 -28.71
N LEU A 163 -9.35 13.80 -29.70
CA LEU A 163 -8.83 14.74 -30.68
C LEU A 163 -9.32 16.12 -30.26
N ILE A 164 -8.43 17.11 -30.28
CA ILE A 164 -8.79 18.46 -29.91
C ILE A 164 -8.39 19.39 -31.05
N GLU A 165 -9.36 20.15 -31.56
CA GLU A 165 -9.13 21.09 -32.65
C GLU A 165 -9.47 22.52 -32.25
N ASN A 166 -9.11 23.47 -33.12
N ASN A 166 -9.07 23.45 -33.13
CA ASN A 166 -9.42 24.88 -32.89
CA ASN A 166 -9.32 24.88 -32.95
C ASN A 166 -8.80 25.43 -31.61
C ASN A 166 -8.80 25.40 -31.62
N LEU A 167 -7.63 24.95 -31.24
CA LEU A 167 -6.88 25.53 -30.15
C LEU A 167 -6.30 26.85 -30.62
N ARG A 168 -6.12 27.79 -29.69
CA ARG A 168 -5.54 29.09 -30.03
C ARG A 168 -4.07 28.94 -30.41
N GLU A 169 -3.71 29.53 -31.54
CA GLU A 169 -2.35 29.45 -32.05
C GLU A 169 -1.31 30.03 -31.10
N SER A 170 -0.22 29.29 -30.92
CA SER A 170 0.95 29.73 -30.15
C SER A 170 0.66 30.03 -28.67
N GLN A 171 -0.42 29.46 -28.14
N GLN A 171 -0.37 29.41 -28.13
CA GLN A 171 -0.74 29.61 -26.72
CA GLN A 171 -0.71 29.62 -26.74
C GLN A 171 -0.56 28.30 -25.98
C GLN A 171 -0.62 28.31 -25.95
N PRO A 172 0.04 28.36 -24.79
CA PRO A 172 0.15 27.18 -23.93
C PRO A 172 -1.20 26.82 -23.31
N TYR A 173 -1.46 25.53 -23.19
CA TYR A 173 -2.62 25.03 -22.47
C TYR A 173 -2.17 24.05 -21.43
N ARG A 174 -2.93 24.00 -20.33
CA ARG A 174 -2.81 22.92 -19.37
C ARG A 174 -3.88 21.89 -19.71
N TYR A 175 -3.47 20.62 -19.74
CA TYR A 175 -4.36 19.50 -19.92
C TYR A 175 -4.28 18.63 -18.68
N THR A 176 -5.43 18.13 -18.22
CA THR A 176 -5.44 17.15 -17.13
C THR A 176 -6.33 15.98 -17.48
N VAL A 177 -5.95 14.82 -16.96
CA VAL A 177 -6.76 13.60 -17.06
C VAL A 177 -6.81 12.90 -15.70
N LYS A 178 -8.01 12.51 -15.29
CA LYS A 178 -8.20 11.72 -14.09
C LYS A 178 -9.12 10.54 -14.39
N ALA A 179 -9.04 9.53 -13.53
CA ALA A 179 -9.80 8.29 -13.70
C ALA A 179 -10.76 8.04 -12.56
N ARG A 180 -11.89 7.41 -12.90
CA ARG A 180 -12.89 7.09 -11.91
C ARG A 180 -13.10 5.58 -11.80
N ASN A 181 -13.28 5.09 -10.57
CA ASN A 181 -13.81 3.75 -10.36
C ASN A 181 -14.92 3.86 -9.32
N GLY A 182 -15.30 2.74 -8.72
CA GLY A 182 -16.40 2.73 -7.76
C GLY A 182 -16.15 3.57 -6.52
N ALA A 183 -14.89 3.82 -6.19
CA ALA A 183 -14.54 4.62 -5.03
C ALA A 183 -14.54 6.13 -5.36
N GLY A 184 -14.58 6.47 -6.64
CA GLY A 184 -14.54 7.86 -7.04
C GLY A 184 -13.40 8.21 -7.98
N TRP A 185 -13.14 9.51 -8.09
CA TRP A 185 -12.12 10.06 -8.97
C TRP A 185 -10.76 10.11 -8.29
N GLY A 186 -9.74 9.65 -9.01
CA GLY A 186 -8.39 9.68 -8.50
C GLY A 186 -7.65 10.94 -8.92
N PRO A 187 -6.37 11.04 -8.56
CA PRO A 187 -5.55 12.22 -8.85
C PRO A 187 -5.32 12.43 -10.34
N GLU A 188 -5.01 13.67 -10.71
CA GLU A 188 -4.90 14.10 -12.08
C GLU A 188 -3.47 13.98 -12.56
N ARG A 189 -3.32 13.52 -13.80
CA ARG A 189 -2.08 13.69 -14.54
C ARG A 189 -2.20 15.01 -15.30
N GLU A 190 -1.19 15.86 -15.16
CA GLU A 190 -1.21 17.16 -15.81
C GLU A 190 -0.06 17.29 -16.80
N ALA A 191 -0.31 18.01 -17.89
CA ALA A 191 0.75 18.40 -18.82
C ALA A 191 0.49 19.79 -19.35
N ILE A 192 1.55 20.56 -19.52
CA ILE A 192 1.44 21.87 -20.12
C ILE A 192 2.18 21.85 -21.44
N ILE A 193 1.48 22.18 -22.52
CA ILE A 193 2.11 22.17 -23.84
C ILE A 193 1.63 23.29 -24.74
N ASN A 194 2.52 23.72 -25.61
CA ASN A 194 2.22 24.71 -26.64
C ASN A 194 2.49 24.04 -27.98
N LEU A 195 1.46 23.89 -28.81
CA LEU A 195 1.59 23.12 -30.05
C LEU A 195 2.65 23.69 -31.00
N ALA A 196 2.88 24.99 -30.91
CA ALA A 196 3.86 25.66 -31.76
C ALA A 196 5.24 25.02 -31.65
N THR A 197 5.58 24.57 -30.46
CA THR A 197 6.91 24.03 -30.19
C THR A 197 7.01 22.52 -30.40
N GLN A 198 5.94 21.91 -30.91
CA GLN A 198 5.90 20.47 -31.08
C GLN A 198 6.11 20.06 -32.54
N PRO A 199 6.73 18.89 -32.75
CA PRO A 199 6.79 18.29 -34.10
C PRO A 199 5.39 18.07 -34.63
N LYS A 200 5.17 18.33 -35.92
CA LYS A 200 3.87 18.11 -36.53
C LYS A 200 3.92 16.84 -37.36
N ARG A 201 2.85 16.06 -37.29
CA ARG A 201 2.72 14.87 -38.11
C ARG A 201 1.26 14.68 -38.54
N PRO A 202 1.05 14.41 -39.84
CA PRO A 202 -0.30 14.20 -40.32
C PRO A 202 -1.02 13.06 -39.65
N MET A 203 -2.35 13.16 -39.62
CA MET A 203 -3.20 12.13 -39.05
C MET A 203 -4.25 11.70 -40.05
N SER A 204 -4.58 10.41 -40.02
CA SER A 204 -5.68 9.85 -40.80
C SER A 204 -6.85 9.52 -39.88
N ILE A 205 -8.04 9.98 -40.26
CA ILE A 205 -9.23 9.78 -39.45
C ILE A 205 -10.28 9.07 -40.29
N PRO A 206 -10.67 7.86 -39.88
CA PRO A 206 -11.71 7.20 -40.66
C PRO A 206 -13.01 8.00 -40.62
N ILE A 207 -13.73 8.03 -41.74
CA ILE A 207 -14.94 8.83 -41.82
C ILE A 207 -16.12 7.99 -41.32
N ILE A 208 -16.25 7.97 -40.00
CA ILE A 208 -17.24 7.17 -39.33
C ILE A 208 -17.90 7.98 -38.22
N PRO A 209 -19.05 7.51 -37.72
CA PRO A 209 -19.78 8.26 -36.69
C PRO A 209 -19.05 8.37 -35.36
N ASP A 210 -19.36 9.45 -34.64
CA ASP A 210 -19.03 9.58 -33.23
C ASP A 210 -17.54 9.73 -32.92
N ILE A 211 -16.75 10.24 -33.88
CA ILE A 211 -15.34 10.51 -33.62
C ILE A 211 -15.22 11.46 -32.44
N PRO A 212 -14.41 11.10 -31.43
CA PRO A 212 -14.30 11.97 -30.25
C PRO A 212 -13.40 13.16 -30.54
N ILE A 213 -13.96 14.16 -31.21
CA ILE A 213 -13.23 15.37 -31.49
C ILE A 213 -13.90 16.54 -30.79
N VAL A 214 -13.06 17.33 -30.13
CA VAL A 214 -13.47 18.43 -29.27
C VAL A 214 -13.06 19.73 -29.93
N ASP A 215 -13.99 20.68 -30.01
CA ASP A 215 -13.72 22.04 -30.49
C ASP A 215 -13.33 22.92 -29.30
N ALA A 216 -12.09 23.39 -29.26
CA ALA A 216 -11.55 24.03 -28.07
C ALA A 216 -12.02 25.47 -27.87
N GLN A 217 -12.70 26.04 -28.85
CA GLN A 217 -13.22 27.39 -28.68
C GLN A 217 -14.74 27.40 -28.78
N SER A 218 -15.36 26.43 -28.14
CA SER A 218 -16.81 26.38 -28.01
C SER A 218 -17.21 25.96 -26.60
N ASP B 5 -11.51 37.15 -8.27
CA ASP B 5 -11.62 37.51 -6.85
C ASP B 5 -12.06 36.32 -6.00
N LEU B 6 -11.52 35.15 -6.31
CA LEU B 6 -11.66 34.00 -5.44
C LEU B 6 -10.47 33.96 -4.47
N GLY B 7 -10.77 33.92 -3.18
CA GLY B 7 -9.73 33.88 -2.16
C GLY B 7 -9.21 32.48 -1.90
N ALA B 8 -8.22 32.39 -1.03
CA ALA B 8 -7.66 31.11 -0.62
C ALA B 8 -8.61 30.40 0.34
N PRO B 9 -8.70 29.07 0.21
CA PRO B 9 -9.38 28.32 1.27
C PRO B 9 -8.74 28.65 2.61
N GLN B 10 -9.55 28.69 3.66
CA GLN B 10 -9.09 29.16 4.96
C GLN B 10 -8.99 28.03 5.98
N ASN B 11 -8.15 28.23 6.99
CA ASN B 11 -7.95 27.25 8.05
C ASN B 11 -7.75 25.81 7.58
N PRO B 12 -6.82 25.60 6.64
CA PRO B 12 -6.60 24.22 6.21
C PRO B 12 -6.05 23.43 7.39
N ASN B 13 -6.49 22.18 7.53
CA ASN B 13 -5.95 21.32 8.59
C ASN B 13 -6.10 19.85 8.22
N ALA B 14 -5.28 19.00 8.83
CA ALA B 14 -5.24 17.58 8.44
C ALA B 14 -4.96 16.71 9.64
N LYS B 15 -5.41 15.46 9.55
CA LYS B 15 -5.05 14.48 10.55
C LYS B 15 -4.93 13.13 9.86
N ALA B 16 -4.07 12.29 10.41
CA ALA B 16 -3.92 10.93 9.89
C ALA B 16 -5.24 10.22 10.10
N ALA B 17 -5.65 9.49 9.08
CA ALA B 17 -6.84 8.65 9.16
C ALA B 17 -6.43 7.18 9.24
N GLY B 18 -5.13 6.95 9.42
CA GLY B 18 -4.57 5.61 9.44
C GLY B 18 -3.13 5.67 9.01
N SER B 19 -2.56 4.54 8.62
CA SER B 19 -1.16 4.49 8.21
C SER B 19 -0.99 4.83 6.73
N ARG B 20 -2.08 4.75 5.96
CA ARG B 20 -2.00 4.98 4.51
C ARG B 20 -2.96 6.05 4.00
N LYS B 21 -3.59 6.78 4.91
CA LYS B 21 -4.56 7.80 4.55
C LYS B 21 -4.47 9.01 5.44
N ILE B 22 -4.78 10.17 4.88
CA ILE B 22 -4.88 11.42 5.61
C ILE B 22 -6.19 12.11 5.25
N HIS B 23 -6.85 12.68 6.25
CA HIS B 23 -8.02 13.51 6.03
C HIS B 23 -7.65 14.99 6.12
N PHE B 24 -7.91 15.71 5.04
CA PHE B 24 -7.52 17.12 4.88
C PHE B 24 -8.78 17.94 4.61
N ASN B 25 -8.97 19.01 5.37
CA ASN B 25 -10.13 19.85 5.18
C ASN B 25 -9.82 21.32 5.32
N TRP B 26 -10.76 22.14 4.90
CA TRP B 26 -10.61 23.59 4.86
C TRP B 26 -11.96 24.25 4.76
N LEU B 27 -11.96 25.57 4.97
CA LEU B 27 -13.16 26.37 4.81
C LEU B 27 -13.19 26.93 3.40
N PRO B 28 -14.36 26.88 2.76
CA PRO B 28 -14.51 27.53 1.46
C PRO B 28 -14.21 29.01 1.54
N PRO B 29 -13.54 29.56 0.52
CA PRO B 29 -13.30 31.00 0.39
C PRO B 29 -14.62 31.69 0.07
N SER B 30 -14.72 32.99 0.33
CA SER B 30 -15.93 33.70 -0.05
C SER B 30 -16.04 33.67 -1.56
N GLY B 31 -17.26 33.78 -2.04
CA GLY B 31 -17.49 33.77 -3.46
C GLY B 31 -18.17 32.48 -3.85
N LYS B 32 -17.91 32.07 -5.08
CA LYS B 32 -18.61 30.95 -5.70
C LYS B 32 -17.62 29.94 -6.27
N PRO B 33 -16.88 29.27 -5.39
CA PRO B 33 -15.98 28.20 -5.84
C PRO B 33 -16.75 27.06 -6.47
N MET B 34 -16.22 26.53 -7.57
CA MET B 34 -16.80 25.37 -8.27
C MET B 34 -16.14 24.08 -7.83
N GLY B 35 -15.04 24.19 -7.09
CA GLY B 35 -14.29 23.04 -6.64
C GLY B 35 -12.91 23.43 -6.10
N TYR B 36 -12.12 22.41 -5.77
CA TYR B 36 -10.80 22.60 -5.18
C TYR B 36 -9.77 21.70 -5.80
N ARG B 37 -8.54 22.20 -5.86
CA ARG B 37 -7.41 21.37 -6.23
C ARG B 37 -6.41 21.29 -5.09
N VAL B 38 -6.13 20.07 -4.65
CA VAL B 38 -5.19 19.81 -3.56
C VAL B 38 -3.86 19.38 -4.18
N LYS B 39 -2.76 19.97 -3.73
CA LYS B 39 -1.45 19.49 -4.08
C LYS B 39 -0.86 18.89 -2.83
N TYR B 40 -0.33 17.67 -2.94
CA TYR B 40 0.34 17.05 -1.80
C TYR B 40 1.58 16.28 -2.23
N TRP B 41 2.53 16.16 -1.32
CA TRP B 41 3.82 15.54 -1.60
C TRP B 41 4.49 15.08 -0.33
N ILE B 42 5.36 14.09 -0.47
CA ILE B 42 6.17 13.67 0.65
C ILE B 42 7.12 14.79 1.07
N GLN B 43 7.16 15.08 2.36
CA GLN B 43 8.03 16.14 2.85
C GLN B 43 9.45 15.87 2.36
N GLY B 44 10.07 16.86 1.73
CA GLY B 44 11.39 16.70 1.14
C GLY B 44 11.40 16.49 -0.36
N ASP B 45 10.27 16.05 -0.92
CA ASP B 45 10.14 15.92 -2.37
C ASP B 45 9.93 17.29 -2.97
N SER B 46 10.10 17.42 -4.27
CA SER B 46 9.85 18.70 -4.91
C SER B 46 8.35 18.89 -4.90
N GLU B 47 7.89 20.06 -4.47
CA GLU B 47 6.48 20.38 -4.59
C GLU B 47 6.01 20.17 -6.04
N SER B 48 6.94 19.88 -6.95
CA SER B 48 6.58 19.83 -8.37
C SER B 48 6.55 18.47 -9.08
N GLU B 49 6.77 17.37 -8.36
CA GLU B 49 6.07 16.13 -8.72
C GLU B 49 5.23 15.71 -7.50
N ALA B 50 4.56 16.74 -7.03
CA ALA B 50 3.39 16.65 -6.20
C ALA B 50 2.27 15.89 -6.89
N HIS B 51 1.39 15.32 -6.09
CA HIS B 51 0.14 14.76 -6.57
C HIS B 51 -0.89 15.87 -6.60
N LEU B 52 -1.82 15.77 -7.55
CA LEU B 52 -2.87 16.76 -7.76
C LEU B 52 -4.21 16.07 -7.66
N LEU B 53 -5.01 16.48 -6.69
CA LEU B 53 -6.28 15.83 -6.44
C LEU B 53 -7.41 16.85 -6.43
N ASP B 54 -8.37 16.63 -7.32
CA ASP B 54 -9.56 17.46 -7.42
C ASP B 54 -10.59 17.06 -6.38
N SER B 55 -11.34 18.05 -5.88
CA SER B 55 -12.49 17.77 -5.02
C SER B 55 -13.60 18.77 -5.23
N LYS B 56 -14.84 18.28 -5.22
CA LYS B 56 -16.00 19.14 -5.32
C LYS B 56 -16.55 19.54 -3.95
N VAL B 57 -15.94 19.01 -2.88
CA VAL B 57 -16.32 19.38 -1.52
C VAL B 57 -15.08 19.84 -0.76
N PRO B 58 -15.27 20.57 0.35
CA PRO B 58 -14.13 21.19 1.03
C PRO B 58 -13.39 20.23 1.97
N SER B 59 -13.18 19.01 1.49
CA SER B 59 -12.35 18.03 2.18
C SER B 59 -11.93 16.95 1.22
N VAL B 60 -10.84 16.25 1.53
CA VAL B 60 -10.45 15.07 0.79
C VAL B 60 -9.84 14.03 1.71
N GLU B 61 -9.85 12.81 1.22
CA GLU B 61 -9.10 11.74 1.81
C GLU B 61 -7.96 11.46 0.84
N LEU B 62 -6.74 11.64 1.32
CA LEU B 62 -5.55 11.28 0.55
C LEU B 62 -5.30 9.80 0.77
N THR B 63 -5.12 9.06 -0.31
CA THR B 63 -4.99 7.61 -0.23
C THR B 63 -3.65 7.09 -0.75
N ASN B 64 -3.42 5.81 -0.52
CA ASN B 64 -2.21 5.11 -0.95
C ASN B 64 -0.94 5.83 -0.51
N LEU B 65 -0.91 6.23 0.76
CA LEU B 65 0.26 6.89 1.32
C LEU B 65 1.20 5.88 1.99
N TYR B 66 2.44 6.30 2.22
CA TYR B 66 3.39 5.49 2.97
C TYR B 66 3.11 5.60 4.45
N PRO B 67 3.21 4.49 5.17
CA PRO B 67 3.14 4.51 6.64
C PRO B 67 4.29 5.31 7.26
N TYR B 68 4.01 5.88 8.43
CA TYR B 68 4.97 6.64 9.19
C TYR B 68 5.75 7.63 8.32
N CYS B 69 5.02 8.46 7.58
CA CYS B 69 5.64 9.33 6.59
C CYS B 69 5.05 10.73 6.67
N ASP B 70 5.91 11.75 6.64
CA ASP B 70 5.49 13.14 6.66
C ASP B 70 5.05 13.62 5.28
N TYR B 71 3.84 14.16 5.20
CA TYR B 71 3.34 14.79 4.00
C TYR B 71 3.13 16.28 4.19
N GLU B 72 3.24 16.99 3.08
CA GLU B 72 2.91 18.42 3.00
C GLU B 72 1.76 18.58 1.99
N MET B 73 0.85 19.50 2.28
CA MET B 73 -0.33 19.67 1.42
C MET B 73 -0.87 21.10 1.48
N LYS B 74 -1.52 21.49 0.39
CA LYS B 74 -2.15 22.80 0.30
C LYS B 74 -3.28 22.67 -0.71
N VAL B 75 -4.18 23.64 -0.73
CA VAL B 75 -5.38 23.54 -1.55
C VAL B 75 -5.75 24.91 -2.09
N CYS B 76 -6.21 24.95 -3.33
CA CYS B 76 -6.76 26.18 -3.89
C CYS B 76 -8.19 25.92 -4.35
N ALA B 77 -8.94 26.99 -4.54
CA ALA B 77 -10.27 26.88 -5.13
C ALA B 77 -10.20 27.28 -6.58
N TYR B 78 -11.17 26.85 -7.37
CA TYR B 78 -11.30 27.38 -8.72
C TYR B 78 -12.74 27.78 -8.97
N GLY B 79 -12.93 28.75 -9.85
CA GLY B 79 -14.25 29.25 -10.18
C GLY B 79 -14.27 29.96 -11.52
N ALA B 80 -15.13 30.95 -11.64
CA ALA B 80 -15.40 31.63 -12.90
C ALA B 80 -14.14 32.23 -13.52
N GLN B 81 -13.20 32.63 -12.68
CA GLN B 81 -11.99 33.30 -13.16
C GLN B 81 -10.74 32.42 -13.11
N GLY B 82 -10.94 31.12 -12.91
CA GLY B 82 -9.83 30.20 -12.88
C GLY B 82 -9.48 29.84 -11.46
N GLU B 83 -8.21 29.50 -11.24
N GLU B 83 -8.20 29.57 -11.22
CA GLU B 83 -7.76 29.11 -9.92
CA GLU B 83 -7.73 29.08 -9.93
C GLU B 83 -7.42 30.34 -9.09
C GLU B 83 -7.24 30.21 -9.03
N GLY B 84 -7.76 30.26 -7.81
CA GLY B 84 -7.39 31.28 -6.85
C GLY B 84 -6.08 30.87 -6.21
N PRO B 85 -5.61 31.68 -5.26
CA PRO B 85 -4.35 31.39 -4.57
C PRO B 85 -4.47 30.20 -3.63
N TYR B 86 -3.33 29.59 -3.34
CA TYR B 86 -3.32 28.45 -2.47
C TYR B 86 -3.43 28.83 -1.01
N SER B 87 -3.98 27.89 -0.26
CA SER B 87 -4.05 27.95 1.20
C SER B 87 -2.67 27.85 1.81
N SER B 88 -2.62 28.07 3.12
CA SER B 88 -1.45 27.77 3.91
C SER B 88 -1.05 26.32 3.69
N LEU B 89 0.25 26.06 3.77
CA LEU B 89 0.77 24.70 3.72
C LEU B 89 0.58 24.01 5.06
N VAL B 90 0.17 22.75 5.01
CA VAL B 90 -0.06 21.94 6.20
C VAL B 90 0.79 20.67 6.14
N SER B 91 1.42 20.33 7.27
CA SER B 91 2.16 19.08 7.44
C SER B 91 1.39 18.06 8.25
N CYS B 92 1.45 16.79 7.83
CA CYS B 92 0.77 15.76 8.58
C CYS B 92 1.48 14.42 8.36
N ARG B 93 1.62 13.65 9.42
N ARG B 93 1.64 13.65 9.43
CA ARG B 93 2.30 12.36 9.35
CA ARG B 93 2.31 12.35 9.36
C ARG B 93 1.32 11.19 9.49
C ARG B 93 1.31 11.20 9.47
N THR B 94 1.47 10.20 8.62
CA THR B 94 0.66 8.99 8.70
C THR B 94 1.06 8.16 9.91
N HIS B 95 0.13 7.35 10.41
CA HIS B 95 0.43 6.45 11.51
C HIS B 95 1.39 5.38 11.08
N GLN B 96 2.08 4.81 12.06
CA GLN B 96 2.84 3.59 11.87
C GLN B 96 1.89 2.45 11.57
N GLU B 97 2.44 1.40 11.01
CA GLU B 97 1.73 0.17 10.71
C GLU B 97 2.71 -0.95 11.04
N VAL B 98 2.24 -2.13 11.40
CA VAL B 98 3.17 -3.16 11.83
C VAL B 98 4.16 -3.43 10.69
N PRO B 99 5.36 -3.92 11.03
CA PRO B 99 6.35 -4.15 9.98
C PRO B 99 5.97 -5.33 9.08
N SER B 100 6.62 -5.43 7.93
CA SER B 100 6.50 -6.63 7.11
C SER B 100 7.30 -7.75 7.77
N GLU B 101 7.31 -8.92 7.13
CA GLU B 101 8.12 -10.03 7.61
C GLU B 101 9.60 -9.68 7.64
N PRO B 102 10.33 -10.24 8.61
CA PRO B 102 11.80 -10.21 8.51
C PRO B 102 12.26 -10.89 7.22
N GLY B 103 13.52 -10.68 6.84
CA GLY B 103 14.08 -11.39 5.69
C GLY B 103 14.08 -12.90 5.92
N ARG B 104 14.24 -13.64 4.84
CA ARG B 104 14.31 -15.10 4.89
C ARG B 104 15.35 -15.53 5.91
N LEU B 105 15.02 -16.55 6.70
CA LEU B 105 15.91 -16.99 7.78
C LEU B 105 17.13 -17.70 7.24
N ALA B 106 18.29 -17.30 7.75
CA ALA B 106 19.57 -17.86 7.35
C ALA B 106 20.17 -18.69 8.48
N PHE B 107 20.65 -19.88 8.14
CA PHE B 107 21.23 -20.76 9.14
C PHE B 107 22.69 -21.06 8.82
N ASN B 108 23.57 -20.70 9.75
N ASN B 108 23.57 -20.73 9.74
CA ASN B 108 24.96 -21.11 9.71
CA ASN B 108 24.96 -21.15 9.62
C ASN B 108 25.11 -22.25 10.69
C ASN B 108 25.21 -22.24 10.66
N VAL B 109 25.08 -23.48 10.18
CA VAL B 109 25.08 -24.66 11.03
C VAL B 109 26.49 -25.06 11.40
N VAL B 110 26.72 -25.28 12.68
CA VAL B 110 28.04 -25.59 13.19
C VAL B 110 28.21 -27.09 13.39
N SER B 111 27.17 -27.71 13.92
CA SER B 111 27.23 -29.11 14.32
C SER B 111 25.83 -29.72 14.24
N SER B 112 25.73 -30.99 14.59
CA SER B 112 24.45 -31.66 14.57
C SER B 112 23.46 -31.07 15.58
N THR B 113 23.97 -30.27 16.52
CA THR B 113 23.14 -29.70 17.59
C THR B 113 23.24 -28.18 17.79
N VAL B 114 24.01 -27.50 16.96
CA VAL B 114 24.25 -26.07 17.13
C VAL B 114 24.14 -25.33 15.81
N THR B 115 23.43 -24.20 15.81
CA THR B 115 23.33 -23.37 14.63
C THR B 115 23.19 -21.91 15.02
N GLN B 116 23.75 -21.04 14.18
CA GLN B 116 23.43 -19.63 14.22
C GLN B 116 22.22 -19.40 13.34
N LEU B 117 21.34 -18.53 13.81
CA LEU B 117 20.19 -18.07 13.05
C LEU B 117 20.34 -16.56 12.86
N SER B 118 20.16 -16.08 11.65
CA SER B 118 20.13 -14.64 11.41
C SER B 118 19.10 -14.26 10.36
N TRP B 119 18.79 -12.97 10.26
CA TRP B 119 17.76 -12.50 9.35
C TRP B 119 17.95 -11.03 9.03
N ALA B 120 17.56 -10.64 7.82
CA ALA B 120 17.58 -9.24 7.43
C ALA B 120 16.40 -8.50 8.06
N GLU B 121 16.55 -7.19 8.20
CA GLU B 121 15.48 -6.33 8.66
C GLU B 121 14.34 -6.40 7.65
N PRO B 122 13.09 -6.31 8.12
CA PRO B 122 11.94 -6.29 7.21
C PRO B 122 12.12 -5.31 6.04
N ALA B 123 11.71 -5.71 4.83
CA ALA B 123 11.84 -4.85 3.68
C ALA B 123 11.07 -3.54 3.90
N GLU B 124 9.93 -3.62 4.58
CA GLU B 124 9.23 -2.41 5.02
C GLU B 124 9.09 -2.40 6.53
N THR B 125 9.73 -1.46 7.20
CA THR B 125 9.60 -1.37 8.64
C THR B 125 8.28 -0.67 9.02
N ASN B 126 7.85 0.28 8.21
CA ASN B 126 6.58 1.01 8.43
C ASN B 126 6.51 1.72 9.74
N GLY B 127 7.67 2.05 10.29
CA GLY B 127 7.80 2.55 11.64
C GLY B 127 9.26 2.41 12.02
N GLU B 128 9.54 2.41 13.31
CA GLU B 128 10.90 2.13 13.77
C GLU B 128 10.90 0.78 14.49
N ILE B 129 11.77 -0.15 14.08
CA ILE B 129 11.81 -1.48 14.70
C ILE B 129 12.37 -1.38 16.12
N THR B 130 11.61 -1.84 17.10
CA THR B 130 12.08 -1.84 18.50
C THR B 130 12.47 -3.23 19.01
N ALA B 131 12.05 -4.28 18.30
CA ALA B 131 12.29 -5.63 18.78
C ALA B 131 11.99 -6.70 17.73
N TYR B 132 12.68 -7.83 17.88
CA TYR B 132 12.36 -9.06 17.16
C TYR B 132 12.03 -10.13 18.19
N GLU B 133 11.23 -11.10 17.79
CA GLU B 133 10.97 -12.25 18.62
C GLU B 133 11.18 -13.50 17.81
N VAL B 134 12.06 -14.35 18.33
CA VAL B 134 12.33 -15.66 17.76
C VAL B 134 11.60 -16.71 18.57
N CYS B 135 10.90 -17.60 17.89
CA CYS B 135 10.36 -18.80 18.52
C CYS B 135 10.87 -20.02 17.79
N TYR B 136 10.91 -21.15 18.48
CA TYR B 136 11.33 -22.40 17.87
C TYR B 136 10.66 -23.57 18.57
N GLY B 137 10.53 -24.69 17.86
CA GLY B 137 9.87 -25.86 18.42
C GLY B 137 10.05 -27.08 17.54
N LEU B 138 10.01 -28.24 18.16
CA LEU B 138 10.08 -29.51 17.44
C LEU B 138 8.86 -29.64 16.54
N VAL B 139 9.08 -30.12 15.32
CA VAL B 139 7.99 -30.51 14.45
C VAL B 139 8.27 -31.89 13.86
N ASN B 140 7.25 -32.55 13.34
CA ASN B 140 7.47 -33.74 12.54
C ASN B 140 7.69 -33.30 11.10
N ASP B 141 7.79 -34.26 10.18
CA ASP B 141 8.11 -33.93 8.79
C ASP B 141 7.00 -33.14 8.06
N ASP B 142 5.79 -33.13 8.60
CA ASP B 142 4.73 -32.31 8.02
C ASP B 142 4.59 -30.94 8.69
N ASN B 143 5.65 -30.48 9.36
CA ASN B 143 5.58 -29.22 10.10
C ASN B 143 4.43 -29.18 11.09
N ARG B 144 4.11 -30.34 11.67
CA ARG B 144 3.18 -30.37 12.78
C ARG B 144 3.96 -30.36 14.10
N PRO B 145 3.65 -29.37 14.95
CA PRO B 145 4.35 -29.21 16.22
C PRO B 145 4.28 -30.45 17.10
N ILE B 146 5.44 -30.83 17.61
CA ILE B 146 5.55 -31.80 18.68
C ILE B 146 5.78 -31.00 19.95
N GLY B 147 4.72 -30.77 20.71
CA GLY B 147 4.80 -29.93 21.87
C GLY B 147 4.71 -28.46 21.47
N PRO B 148 4.76 -27.57 22.47
CA PRO B 148 4.58 -26.13 22.21
C PRO B 148 5.85 -25.50 21.65
N MET B 149 5.69 -24.39 20.94
CA MET B 149 6.83 -23.56 20.58
C MET B 149 7.39 -22.92 21.85
N LYS B 150 8.67 -22.53 21.79
CA LYS B 150 9.30 -21.75 22.83
C LYS B 150 9.62 -20.36 22.30
N LYS B 151 9.40 -19.38 23.16
CA LYS B 151 9.70 -17.98 22.89
C LYS B 151 11.07 -17.66 23.46
N VAL B 152 11.90 -16.95 22.69
CA VAL B 152 13.21 -16.56 23.19
C VAL B 152 13.21 -15.12 23.71
N LEU B 153 13.73 -14.95 24.92
CA LEU B 153 13.92 -13.63 25.53
C LEU B 153 15.41 -13.33 25.55
N VAL B 154 15.79 -12.13 25.08
CA VAL B 154 17.20 -11.75 25.05
C VAL B 154 17.39 -10.30 25.55
N ASP B 155 18.62 -9.97 25.92
CA ASP B 155 18.97 -8.64 26.42
C ASP B 155 18.79 -7.53 25.39
N ASN B 156 19.19 -7.76 24.15
CA ASN B 156 19.03 -6.77 23.08
C ASN B 156 18.17 -7.34 21.97
N PRO B 157 16.86 -7.08 22.02
CA PRO B 157 15.96 -7.73 21.05
C PRO B 157 16.06 -7.12 19.66
N LYS B 158 16.84 -6.05 19.49
CA LYS B 158 17.03 -5.45 18.17
C LYS B 158 18.10 -6.16 17.34
N ASN B 159 18.89 -7.01 17.99
CA ASN B 159 19.90 -7.77 17.27
C ASN B 159 19.26 -8.79 16.32
N ARG B 160 19.93 -9.07 15.20
CA ARG B 160 19.34 -9.91 14.16
C ARG B 160 20.10 -11.22 14.00
N MET B 161 20.63 -11.73 15.09
CA MET B 161 21.33 -13.01 15.10
C MET B 161 21.19 -13.66 16.48
N LEU B 162 21.18 -14.98 16.49
CA LEU B 162 21.00 -15.76 17.70
C LEU B 162 21.75 -17.07 17.50
N LEU B 163 22.44 -17.54 18.54
N LEU B 163 22.48 -17.50 18.52
CA LEU B 163 23.11 -18.84 18.51
CA LEU B 163 23.06 -18.83 18.50
C LEU B 163 22.31 -19.83 19.34
C LEU B 163 22.08 -19.75 19.22
N ILE B 164 21.98 -20.99 18.76
CA ILE B 164 21.14 -21.97 19.41
C ILE B 164 21.90 -23.28 19.56
N GLU B 165 22.01 -23.77 20.79
CA GLU B 165 22.77 -24.99 21.07
C GLU B 165 21.87 -26.02 21.75
N ASN B 166 22.38 -27.25 21.84
CA ASN B 166 21.69 -28.34 22.50
C ASN B 166 20.34 -28.69 21.85
N LEU B 167 20.24 -28.46 20.54
CA LEU B 167 19.09 -28.91 19.77
C LEU B 167 19.12 -30.44 19.70
N ARG B 168 17.96 -31.08 19.62
CA ARG B 168 17.92 -32.55 19.53
C ARG B 168 18.45 -33.03 18.18
N GLU B 169 19.31 -34.05 18.21
CA GLU B 169 19.94 -34.55 17.00
C GLU B 169 18.93 -35.13 16.00
N SER B 170 19.16 -34.82 14.73
CA SER B 170 18.40 -35.38 13.61
C SER B 170 16.90 -35.15 13.74
N GLN B 171 16.53 -34.02 14.33
N GLN B 171 16.55 -34.04 14.37
CA GLN B 171 15.14 -33.69 14.54
CA GLN B 171 15.15 -33.67 14.53
C GLN B 171 14.81 -32.34 13.92
C GLN B 171 14.89 -32.36 13.80
N PRO B 172 13.80 -32.29 13.04
CA PRO B 172 13.39 -31.03 12.42
C PRO B 172 12.83 -30.06 13.45
N TYR B 173 13.20 -28.80 13.32
CA TYR B 173 12.57 -27.73 14.09
C TYR B 173 11.97 -26.68 13.20
N ARG B 174 10.87 -26.09 13.68
CA ARG B 174 10.33 -24.88 13.09
C ARG B 174 10.89 -23.68 13.82
N TYR B 175 11.38 -22.70 13.06
CA TYR B 175 11.84 -21.43 13.60
C TYR B 175 11.00 -20.31 13.01
N THR B 176 10.64 -19.35 13.84
CA THR B 176 9.95 -18.16 13.35
C THR B 176 10.57 -16.90 13.92
N VAL B 177 10.44 -15.81 13.16
CA VAL B 177 10.92 -14.51 13.58
C VAL B 177 9.89 -13.49 13.15
N LYS B 178 9.53 -12.62 14.06
CA LYS B 178 8.68 -11.49 13.73
C LYS B 178 9.26 -10.23 14.33
N ALA B 179 8.80 -9.09 13.82
CA ALA B 179 9.33 -7.80 14.19
C ALA B 179 8.26 -6.90 14.77
N ARG B 180 8.66 -6.01 15.67
CA ARG B 180 7.77 -5.08 16.35
C ARG B 180 8.17 -3.65 16.06
N ASN B 181 7.18 -2.78 15.91
CA ASN B 181 7.41 -1.34 15.99
C ASN B 181 6.31 -0.74 16.85
N GLY B 182 6.12 0.57 16.78
CA GLY B 182 5.15 1.23 17.65
C GLY B 182 3.74 0.73 17.47
N ALA B 183 3.43 0.19 16.29
CA ALA B 183 2.10 -0.29 15.97
C ALA B 183 1.86 -1.73 16.43
N GLY B 184 2.93 -2.45 16.75
CA GLY B 184 2.80 -3.82 17.17
C GLY B 184 3.65 -4.80 16.37
N TRP B 185 3.32 -6.08 16.54
CA TRP B 185 4.05 -7.18 15.95
C TRP B 185 3.55 -7.48 14.54
N GLY B 186 4.48 -7.60 13.59
CA GLY B 186 4.12 -7.94 12.23
C GLY B 186 4.13 -9.44 11.97
N PRO B 187 3.91 -9.81 10.70
CA PRO B 187 3.89 -11.23 10.35
C PRO B 187 5.22 -11.95 10.53
N GLU B 188 5.10 -13.26 10.70
CA GLU B 188 6.23 -14.14 10.95
C GLU B 188 6.88 -14.64 9.67
N ARG B 189 8.21 -14.70 9.71
CA ARG B 189 8.97 -15.46 8.73
C ARG B 189 9.28 -16.80 9.35
N GLU B 190 9.00 -17.86 8.61
CA GLU B 190 9.16 -19.22 9.11
C GLU B 190 10.14 -20.03 8.29
N ALA B 191 10.87 -20.91 8.97
CA ALA B 191 11.67 -21.91 8.28
C ALA B 191 11.66 -23.21 9.07
N ILE B 192 11.68 -24.32 8.34
CA ILE B 192 11.82 -25.65 8.95
C ILE B 192 13.16 -26.23 8.53
N ILE B 193 13.97 -26.60 9.51
CA ILE B 193 15.32 -27.07 9.28
C ILE B 193 15.66 -28.25 10.16
N ASN B 194 16.38 -29.22 9.59
CA ASN B 194 16.95 -30.32 10.34
C ASN B 194 18.46 -30.24 10.17
N LEU B 195 19.19 -30.02 11.26
CA LEU B 195 20.62 -29.71 11.16
C LEU B 195 21.38 -30.84 10.52
N ALA B 196 20.86 -32.05 10.64
CA ALA B 196 21.51 -33.22 10.06
C ALA B 196 21.72 -33.07 8.55
N THR B 197 20.75 -32.45 7.87
CA THR B 197 20.80 -32.31 6.42
C THR B 197 21.67 -31.15 5.95
N GLN B 198 22.19 -30.38 6.89
CA GLN B 198 22.87 -29.12 6.56
C GLN B 198 24.38 -29.24 6.55
N PRO B 199 25.03 -28.46 5.67
CA PRO B 199 26.50 -28.36 5.71
C PRO B 199 26.97 -27.83 7.06
N LYS B 200 28.06 -28.37 7.59
CA LYS B 200 28.61 -27.91 8.84
C LYS B 200 29.86 -27.07 8.59
N ARG B 201 29.95 -25.96 9.32
CA ARG B 201 31.15 -25.14 9.30
C ARG B 201 31.49 -24.64 10.70
N PRO B 202 32.77 -24.74 11.09
CA PRO B 202 33.17 -24.22 12.39
C PRO B 202 32.86 -22.73 12.57
N MET B 203 32.66 -22.34 13.82
CA MET B 203 32.41 -20.96 14.15
C MET B 203 33.38 -20.50 15.22
N SER B 204 33.79 -19.25 15.14
CA SER B 204 34.60 -18.63 16.18
C SER B 204 33.75 -17.65 16.96
N ILE B 205 33.80 -17.78 18.28
CA ILE B 205 33.00 -16.95 19.16
C ILE B 205 33.93 -16.19 20.11
N PRO B 206 33.89 -14.85 20.07
CA PRO B 206 34.71 -14.12 21.04
C PRO B 206 34.26 -14.43 22.46
N ILE B 207 35.22 -14.59 23.36
CA ILE B 207 34.90 -14.94 24.73
C ILE B 207 34.63 -13.65 25.50
N ILE B 208 33.38 -13.17 25.37
CA ILE B 208 32.95 -11.91 25.93
C ILE B 208 31.57 -12.08 26.59
N PRO B 209 31.18 -11.13 27.43
CA PRO B 209 29.90 -11.23 28.13
C PRO B 209 28.70 -11.15 27.20
N ASP B 210 27.59 -11.72 27.67
CA ASP B 210 26.26 -11.49 27.10
C ASP B 210 26.03 -12.07 25.70
N ILE B 211 26.81 -13.09 25.32
CA ILE B 211 26.63 -13.72 24.01
C ILE B 211 25.20 -14.25 23.92
N PRO B 212 24.46 -13.89 22.85
CA PRO B 212 23.08 -14.38 22.79
C PRO B 212 23.03 -15.83 22.34
N ILE B 213 23.23 -16.74 23.29
CA ILE B 213 23.15 -18.15 22.99
C ILE B 213 22.05 -18.76 23.83
N VAL B 214 21.26 -19.58 23.17
CA VAL B 214 20.02 -20.14 23.65
C VAL B 214 20.23 -21.64 23.79
N ASP B 215 19.91 -22.19 24.96
CA ASP B 215 19.94 -23.63 25.19
C ASP B 215 18.57 -24.21 24.85
N ALA B 216 18.48 -24.95 23.75
CA ALA B 216 17.18 -25.38 23.22
C ALA B 216 16.49 -26.47 24.05
N GLN B 217 17.17 -27.02 25.05
CA GLN B 217 16.54 -28.01 25.91
C GLN B 217 16.45 -27.56 27.37
N SER B 218 16.43 -26.25 27.58
CA SER B 218 16.15 -25.71 28.91
C SER B 218 14.67 -25.37 29.05
CL CL C . -7.64 0.76 4.49
C1 PEG D . 5.14 -3.62 -0.34
O1 PEG D . 5.76 -2.92 -1.44
C2 PEG D . 4.33 -4.84 -0.77
O2 PEG D . 2.99 -4.56 -0.85
C3 PEG D . 2.22 -5.63 -1.35
C4 PEG D . 0.80 -5.16 -1.24
O4 PEG D . 0.77 -3.88 -1.69
OH2 1PE E . -17.18 15.82 -13.50
C12 1PE E . -17.38 14.45 -13.52
C22 1PE E . -17.84 14.02 -14.91
OH3 1PE E . -19.22 14.02 -15.07
C13 1PE E . -21.02 14.44 -16.56
C23 1PE E . -19.54 14.13 -16.42
OH4 1PE E . -21.12 15.84 -16.58
C14 1PE E . -22.19 17.86 -16.94
C24 1PE E . -22.33 16.34 -16.96
OH5 1PE E . -21.37 18.45 -16.01
C15 1PE E . -20.79 20.73 -15.29
C25 1PE E . -21.59 19.80 -16.18
OH6 1PE E . -19.70 20.08 -14.69
C16 1PE E . -18.11 20.37 -12.76
C26 1PE E . -19.01 21.02 -13.83
OH7 1PE E . -17.27 19.36 -13.29
C1 EDO F . 5.66 -15.04 2.25
O1 EDO F . 5.13 -15.60 1.08
C2 EDO F . 5.21 -13.64 2.33
O2 EDO F . 6.19 -12.85 1.76
C1 EDO G . 2.41 11.48 -9.72
O1 EDO G . 3.35 12.54 -9.95
C2 EDO G . 3.12 10.13 -9.82
O2 EDO G . 2.18 9.07 -9.59
CL CL H . -5.01 3.50 6.58
C1 PEG I . 2.18 1.78 -6.06
O1 PEG I . 3.14 0.76 -5.79
C2 PEG I . 2.66 3.17 -5.62
O2 PEG I . 2.53 3.26 -4.26
C3 PEG I . 3.25 4.31 -3.71
C4 PEG I . 3.00 4.49 -2.24
O4 PEG I . 3.08 3.30 -1.56
O1 PG4 J . 4.36 -15.38 24.57
C1 PG4 J . 3.52 -16.00 25.55
C2 PG4 J . 4.34 -16.40 26.76
O2 PG4 J . 5.18 -15.33 27.20
C3 PG4 J . 5.40 -15.37 28.58
C4 PG4 J . 6.77 -14.83 28.90
O3 PG4 J . 6.89 -13.51 28.58
C5 PG4 J . 8.18 -13.14 28.81
C6 PG4 J . 8.22 -11.67 28.53
O4 PG4 J . 8.00 -11.39 27.18
C7 PG4 J . 8.95 -10.41 26.87
C8 PG4 J . 8.87 -9.94 25.43
O5 PG4 J . 7.71 -10.44 24.83
C1 EDO K . -8.23 10.72 -2.90
O1 EDO K . -9.52 10.23 -2.64
C2 EDO K . -7.07 9.83 -2.59
O2 EDO K . -5.80 10.44 -3.00
#